data_9PHM
#
_entry.id   9PHM
#
_cell.length_a   67.486
_cell.length_b   68.579
_cell.length_c   70.075
_cell.angle_alpha   101.819
_cell.angle_beta   97.761
_cell.angle_gamma   101.015
#
_symmetry.space_group_name_H-M   'P 1'
#
loop_
_entity.id
_entity.type
_entity.pdbx_description
1 polymer "DNA (5'-D(*GP*AP*GP*CP*GP*AP*CP*CP*TP*GP*TP*AP*CP*GP*GP*AP*CP*AP*TP*CP*A)-3')"
2 polymer "DNA (5'-D(*TP*GP*CP*GP*TP*AP*GP*TP*GP*GP*TP*CP*GP*C)-3')"
3 polymer "DNA (5'-D(*TP*CP*TP*GP*AP*TP*GP*TP*GP*GP*TP*AP*GP*G)-3')"
4 polymer "DNA (5'-D(*AP*AP*CP*CP*TP*AP*CP*CP*TP*GP*GP*CP*AP*GP*GP*AP*CP*GP*AP*CP*T)-3')"
5 polymer "DNA (5'-D(*TP*TP*AP*GP*TP*CP*GP*TP*GP*GP*TP*AP*TP*C)-3')"
6 polymer "DNA (5'-D(*CP*AP*GP*AP*TP*AP*CP*CP*TP*GP*AP*TP*CP*GP*GP*AP*CP*TP*AP*CP*G)-3')"
7 polymer "DNA (5'-D(P*AP*CP*AP*CP*CP*GP*AP*TP*CP*AP*CP*CP*TP*GP*CP*CP*AP*CP*CP*GP*T)-3')"
#
loop_
_entity_poly.entity_id
_entity_poly.type
_entity_poly.pdbx_seq_one_letter_code
_entity_poly.pdbx_strand_id
1 'polydeoxyribonucleotide'
;(DG)(DA)(DG)(DC)(DG)(DA)(DC)(DC)(DT)(DG)(DT)(DA)(DC)(DG)(DG)(DA)(DC)(DA)(DT)(DC)
(DA)
;
A
2 'polydeoxyribonucleotide' (DT)(DG)(DC)(DG)(DT)(DA)(DG)(DT)(DG)(DG)(DT)(DC)(DG)(DC) E
3 'polydeoxyribonucleotide' (DT)(DC)(DT)(DG)(DA)(DT)(DG)(DT)(DG)(DG)(DT)(DA)(DG)(DG) D
4 'polydeoxyribonucleotide'
;(DA)(DA)(DC)(DC)(DT)(DA)(DC)(DC)(DT)(DG)(DG)(DC)(DA)(DG)(DG)(DA)(DC)(DG)(DA)(DC)
(DT)
;
B
5 'polydeoxyribonucleotide' (DT)(DT)(DA)(DG)(DT)(DC)(DG)(DT)(DG)(DG)(DT)(DA)(DT)(DC) F
6 'polydeoxyribonucleotide'
;(DC)(DA)(DG)(DA)(DT)(DA)(DC)(DC)(DT)(DG)(DA)(DT)(DC)(DG)(DG)(DA)(DC)(DT)(DA)(DC)
(DG)
;
C
7 'polydeoxyribonucleotide'
;(DA)(DC)(DA)(DC)(DC)(DG)(DA)(DT)(DC)(DA)(DC)(DC)(DT)(DG)(DC)(DC)(DA)(DC)(DC)(DG)
(DT)
;
M
#